data_1YYV
#
_entry.id   1YYV
#
_cell.length_a   79.285
_cell.length_b   79.285
_cell.length_c   105.115
_cell.angle_alpha   90.00
_cell.angle_beta   90.00
_cell.angle_gamma   90.00
#
_symmetry.space_group_name_H-M   'P 43 21 2'
#
loop_
_entity.id
_entity.type
_entity.pdbx_description
1 polymer 'putative transcriptional regulator'
2 non-polymer 'CHLORIDE ION'
3 water water
#
_entity_poly.entity_id   1
_entity_poly.type   'polypeptide(L)'
_entity_poly.pdbx_seq_one_letter_code
;SNA(MSE)RAHTLSRQLREGNLFAEQCPSREVLKHVTSRWGVLILVALRDGTHRFSDLRR(MLY)(MSE)GGVSE(MLY)
(MSE)LAQSLQALEQDGFLNRVSYPVVPPHVEYSLTPLGEQVSD(MLY)VAALADWIELNLPQVLAQRERLSDGG
;
_entity_poly.pdbx_strand_id   A,B
#
loop_
_chem_comp.id
_chem_comp.type
_chem_comp.name
_chem_comp.formula
CL non-polymer 'CHLORIDE ION' 'Cl -1'
#
# COMPACT_ATOMS: atom_id res chain seq x y z
N GLN A 12 -6.74 22.29 1.41
CA GLN A 12 -6.17 22.13 2.79
C GLN A 12 -4.69 21.77 2.70
N LEU A 13 -3.78 22.73 2.91
CA LEU A 13 -2.34 22.39 2.82
C LEU A 13 -1.68 21.90 4.14
N ARG A 14 -2.34 20.90 4.70
CA ARG A 14 -1.90 20.25 5.89
C ARG A 14 -1.13 18.97 5.50
N GLU A 15 -0.34 18.50 6.45
CA GLU A 15 0.19 17.15 6.38
C GLU A 15 -0.93 16.19 6.73
N GLY A 16 -0.91 15.01 6.12
CA GLY A 16 -2.00 14.09 6.32
C GLY A 16 -1.97 13.36 7.64
N ASN A 17 -3.15 12.82 7.95
CA ASN A 17 -3.29 11.90 9.03
C ASN A 17 -4.11 10.66 8.59
N LEU A 18 -3.44 9.56 8.25
CA LEU A 18 -4.11 8.33 7.83
C LEU A 18 -5.12 7.76 8.85
N PHE A 19 -4.96 8.08 10.13
CA PHE A 19 -5.87 7.65 11.18
C PHE A 19 -7.19 8.47 11.17
N ALA A 20 -7.22 9.59 10.44
CA ALA A 20 -8.42 10.43 10.38
C ALA A 20 -9.35 9.99 9.26
N GLU A 21 -10.56 9.68 9.68
CA GLU A 21 -11.65 9.41 8.75
C GLU A 21 -11.69 10.54 7.70
N GLN A 22 -11.64 10.16 6.44
CA GLN A 22 -11.69 11.12 5.31
C GLN A 22 -10.52 12.12 5.09
N CYS A 23 -9.33 11.84 5.62
CA CYS A 23 -8.14 12.56 5.19
C CYS A 23 -7.82 12.08 3.76
N PRO A 24 -7.53 12.99 2.83
CA PRO A 24 -7.19 12.53 1.46
C PRO A 24 -5.91 11.66 1.33
N SER A 25 -5.11 11.56 2.38
CA SER A 25 -3.93 10.67 2.32
C SER A 25 -4.34 9.22 2.14
N ARG A 26 -5.54 8.88 2.63
CA ARG A 26 -6.12 7.53 2.46
C ARG A 26 -6.36 7.17 0.98
N GLU A 27 -6.74 8.17 0.20
CA GLU A 27 -6.92 8.02 -1.22
C GLU A 27 -5.59 7.85 -1.96
N VAL A 28 -4.64 8.74 -1.68
CA VAL A 28 -3.27 8.57 -2.18
C VAL A 28 -2.72 7.21 -1.81
N LEU A 29 -2.92 6.77 -0.59
CA LEU A 29 -2.45 5.44 -0.18
C LEU A 29 -3.08 4.31 -1.01
N LYS A 30 -4.40 4.36 -1.21
CA LYS A 30 -5.11 3.46 -2.10
C LYS A 30 -4.52 3.48 -3.55
N HIS A 31 -4.36 4.66 -4.12
CA HIS A 31 -3.80 4.71 -5.50
C HIS A 31 -2.44 4.05 -5.61
N VAL A 32 -1.56 4.25 -4.64
CA VAL A 32 -0.15 3.82 -4.83
C VAL A 32 0.06 2.38 -4.39
N THR A 33 -0.93 1.82 -3.73
CA THR A 33 -0.77 0.45 -3.26
C THR A 33 -1.84 -0.52 -3.77
N SER A 34 -2.74 -0.02 -4.62
CA SER A 34 -3.63 -0.87 -5.37
C SER A 34 -2.75 -1.79 -6.16
N ARG A 35 -3.32 -2.89 -6.60
CA ARG A 35 -2.53 -3.92 -7.26
C ARG A 35 -1.97 -3.45 -8.61
N TRP A 36 -2.66 -2.56 -9.30
CA TRP A 36 -2.11 -1.99 -10.53
C TRP A 36 -1.23 -0.78 -10.28
N GLY A 37 -1.53 0.02 -9.24
CA GLY A 37 -0.69 1.18 -8.91
C GLY A 37 0.73 0.80 -8.54
N VAL A 38 0.88 -0.27 -7.76
CA VAL A 38 2.19 -0.77 -7.35
C VAL A 38 3.03 -1.18 -8.58
N LEU A 39 2.41 -1.88 -9.50
CA LEU A 39 3.08 -2.46 -10.63
C LEU A 39 3.49 -1.35 -11.57
N ILE A 40 2.58 -0.39 -11.82
CA ILE A 40 2.94 0.81 -12.56
C ILE A 40 4.14 1.52 -11.95
N LEU A 41 4.10 1.75 -10.65
CA LEU A 41 5.18 2.49 -9.99
C LEU A 41 6.52 1.76 -9.96
N VAL A 42 6.48 0.42 -9.91
CA VAL A 42 7.72 -0.35 -9.91
C VAL A 42 8.26 -0.41 -11.32
N ALA A 43 7.39 -0.66 -12.30
CA ALA A 43 7.81 -0.70 -13.71
C ALA A 43 8.46 0.60 -14.25
N LEU A 44 7.89 1.77 -13.95
CA LEU A 44 8.45 3.02 -14.46
C LEU A 44 9.83 3.42 -13.88
N ARG A 45 10.30 2.69 -12.88
CA ARG A 45 11.61 2.91 -12.30
C ARG A 45 12.66 2.58 -13.33
N ASP A 46 12.28 1.71 -14.28
CA ASP A 46 13.13 1.38 -15.42
C ASP A 46 13.17 2.44 -16.51
N GLY A 47 12.22 3.36 -16.53
CA GLY A 47 12.17 4.41 -17.54
C GLY A 47 10.78 4.53 -18.14
N THR A 48 10.66 5.39 -19.14
CA THR A 48 9.42 5.56 -19.90
C THR A 48 8.87 4.25 -20.46
N HIS A 49 7.55 4.05 -20.31
CA HIS A 49 6.79 2.96 -20.90
C HIS A 49 5.61 3.57 -21.60
N ARG A 50 5.22 2.98 -22.73
CA ARG A 50 3.97 3.27 -23.42
C ARG A 50 2.90 2.49 -22.71
N PHE A 51 1.64 2.92 -22.89
CA PHE A 51 0.50 2.17 -22.36
C PHE A 51 0.60 0.68 -22.63
N SER A 52 1.02 0.30 -23.86
CA SER A 52 1.09 -1.10 -24.31
C SER A 52 2.18 -1.89 -23.62
N ASP A 53 3.25 -1.22 -23.23
CA ASP A 53 4.35 -1.81 -22.45
C ASP A 53 3.92 -2.16 -20.99
N LEU A 54 3.21 -1.25 -20.32
CA LEU A 54 2.64 -1.55 -18.98
C LEU A 54 1.67 -2.70 -19.06
N ARG A 55 0.71 -2.56 -19.98
CA ARG A 55 -0.33 -3.56 -20.19
C ARG A 55 0.27 -4.95 -20.43
N ARG A 56 1.48 -4.98 -20.98
CA ARG A 56 2.21 -6.21 -21.32
C ARG A 56 2.85 -6.89 -20.11
N MLY A 57 3.53 -6.11 -19.28
CA MLY A 57 4.21 -6.61 -18.07
CB MLY A 57 5.07 -5.51 -17.44
CG MLY A 57 6.59 -5.69 -17.60
CD MLY A 57 7.34 -4.38 -17.38
CE MLY A 57 8.65 -4.25 -18.19
NZ MLY A 57 9.43 -3.02 -17.86
CH1 MLY A 57 10.62 -2.89 -18.70
CH2 MLY A 57 9.87 -3.00 -16.46
C MLY A 57 3.22 -7.09 -17.05
O MLY A 57 3.53 -8.00 -16.26
N MSE A 58 2.04 -6.48 -17.05
CA MSE A 58 1.04 -6.70 -15.99
C MSE A 58 -0.03 -7.63 -16.49
O MSE A 58 -1.10 -7.19 -16.93
CB MSE A 58 0.38 -5.39 -15.56
CG MSE A 58 1.35 -4.42 -14.97
SE MSE A 58 0.71 -2.59 -15.07
CE MSE A 58 2.44 -1.80 -15.00
N GLY A 59 0.28 -8.92 -16.45
CA GLY A 59 -0.64 -9.96 -16.90
C GLY A 59 -1.86 -9.91 -15.98
N GLY A 60 -3.04 -9.85 -16.60
CA GLY A 60 -4.30 -9.83 -15.86
C GLY A 60 -5.02 -8.50 -15.75
N VAL A 61 -4.37 -7.39 -16.14
CA VAL A 61 -5.02 -6.07 -16.09
C VAL A 61 -5.80 -5.80 -17.37
N SER A 62 -7.04 -5.33 -17.23
CA SER A 62 -7.77 -4.85 -18.40
C SER A 62 -7.27 -3.45 -18.82
N GLU A 63 -7.58 -3.05 -20.05
CA GLU A 63 -7.37 -1.67 -20.51
C GLU A 63 -7.98 -0.66 -19.55
N MLY A 64 -9.24 -0.87 -19.20
CA MLY A 64 -9.99 0.11 -18.42
CB MLY A 64 -11.45 -0.31 -18.29
CG MLY A 64 -12.33 0.93 -18.24
CD MLY A 64 -13.83 0.63 -18.34
CE MLY A 64 -14.60 1.32 -17.20
NZ MLY A 64 -15.75 2.15 -17.68
CH1 MLY A 64 -16.87 1.31 -18.15
CH2 MLY A 64 -15.33 3.05 -18.78
C MLY A 64 -9.40 0.39 -17.07
O MLY A 64 -9.30 1.55 -16.67
N MSE A 65 -8.97 -0.67 -16.37
CA MSE A 65 -8.47 -0.56 -15.02
C MSE A 65 -7.08 0.03 -15.01
O MSE A 65 -6.71 0.77 -14.08
CB MSE A 65 -8.50 -1.91 -14.30
CG MSE A 65 -9.90 -2.35 -13.84
SE MSE A 65 -10.67 -1.16 -12.46
CE MSE A 65 -11.75 0.04 -13.76
N LEU A 66 -6.32 -0.30 -16.06
CA LEU A 66 -5.01 0.31 -16.25
C LEU A 66 -5.17 1.82 -16.54
N ALA A 67 -6.06 2.18 -17.43
CA ALA A 67 -6.34 3.57 -17.71
C ALA A 67 -6.73 4.30 -16.43
N GLN A 68 -7.47 3.59 -15.57
CA GLN A 68 -7.99 4.19 -14.37
C GLN A 68 -6.90 4.44 -13.30
N SER A 69 -6.01 3.46 -13.06
CA SER A 69 -4.81 3.68 -12.23
C SER A 69 -3.89 4.75 -12.78
N LEU A 70 -3.62 4.71 -14.09
CA LEU A 70 -2.69 5.65 -14.69
C LEU A 70 -3.20 7.05 -14.49
N GLN A 71 -4.51 7.22 -14.66
CA GLN A 71 -5.15 8.49 -14.41
C GLN A 71 -5.11 9.02 -12.95
N ALA A 72 -5.41 8.15 -11.98
CA ALA A 72 -5.32 8.52 -10.57
C ALA A 72 -3.88 8.90 -10.18
N LEU A 73 -2.90 8.18 -10.71
CA LEU A 73 -1.50 8.47 -10.43
C LEU A 73 -1.01 9.74 -11.09
N GLU A 74 -1.53 10.07 -12.27
CA GLU A 74 -1.15 11.31 -12.95
C GLU A 74 -1.71 12.55 -12.24
N GLN A 75 -2.99 12.48 -11.84
CA GLN A 75 -3.57 13.64 -11.17
C GLN A 75 -3.05 13.83 -9.75
N ASP A 76 -2.48 12.77 -9.16
CA ASP A 76 -1.75 12.88 -7.89
C ASP A 76 -0.40 13.55 -8.09
N GLY A 77 0.16 13.50 -9.30
CA GLY A 77 1.40 14.22 -9.59
C GLY A 77 2.60 13.31 -9.70
N PHE A 78 2.35 12.01 -9.89
CA PHE A 78 3.41 11.03 -9.88
C PHE A 78 3.88 10.66 -11.29
N LEU A 79 3.06 10.97 -12.31
CA LEU A 79 3.41 10.59 -13.68
C LEU A 79 3.37 11.74 -14.65
N ASN A 80 4.31 11.70 -15.58
CA ASN A 80 4.19 12.45 -16.84
C ASN A 80 3.51 11.60 -17.91
N ARG A 81 2.50 12.19 -18.54
CA ARG A 81 1.86 11.55 -19.65
C ARG A 81 2.02 12.34 -20.96
N VAL A 82 2.70 11.74 -21.93
CA VAL A 82 2.94 12.40 -23.23
C VAL A 82 2.26 11.65 -24.38
N SER A 83 1.38 12.36 -25.09
CA SER A 83 0.73 11.80 -26.29
C SER A 83 1.59 11.86 -27.52
N TYR A 84 1.51 10.81 -28.32
CA TYR A 84 2.00 10.87 -29.69
C TYR A 84 0.88 10.47 -30.66
N PRO A 85 0.13 11.47 -31.16
CA PRO A 85 -0.97 11.30 -32.14
C PRO A 85 -0.53 10.72 -33.51
N VAL A 86 0.78 10.68 -33.76
CA VAL A 86 1.36 10.16 -34.99
C VAL A 86 1.10 8.66 -35.11
N VAL A 87 1.14 8.10 -36.31
CA VAL A 87 0.74 6.71 -36.59
C VAL A 87 1.86 5.64 -36.49
N PRO A 88 1.68 4.57 -35.70
CA PRO A 88 0.56 4.30 -34.77
C PRO A 88 0.67 5.20 -33.52
N PRO A 89 -0.49 5.68 -33.00
CA PRO A 89 -0.47 6.57 -31.83
C PRO A 89 -0.07 5.80 -30.60
N HIS A 90 0.67 6.48 -29.74
CA HIS A 90 0.95 5.91 -28.44
C HIS A 90 0.85 7.00 -27.39
N VAL A 91 0.72 6.56 -26.16
CA VAL A 91 0.87 7.46 -25.03
C VAL A 91 1.96 6.86 -24.18
N GLU A 92 2.89 7.70 -23.76
CA GLU A 92 4.00 7.30 -22.90
C GLU A 92 3.91 7.91 -21.51
N TYR A 93 4.38 7.11 -20.53
CA TYR A 93 4.35 7.41 -19.09
C TYR A 93 5.74 7.32 -18.49
N SER A 94 6.08 8.30 -17.68
CA SER A 94 7.24 8.20 -16.81
C SER A 94 6.91 8.86 -15.45
N LEU A 95 7.82 8.67 -14.50
CA LEU A 95 7.71 9.26 -13.17
C LEU A 95 8.21 10.69 -13.12
N THR A 96 7.46 11.52 -12.41
CA THR A 96 7.90 12.83 -12.02
C THR A 96 8.91 12.66 -10.86
N PRO A 97 9.66 13.72 -10.50
CA PRO A 97 10.46 13.67 -9.25
C PRO A 97 9.65 13.27 -8.02
N LEU A 98 8.45 13.82 -7.85
CA LEU A 98 7.54 13.39 -6.76
C LEU A 98 7.20 11.90 -6.88
N GLY A 99 6.97 11.45 -8.09
CA GLY A 99 6.64 10.05 -8.36
C GLY A 99 7.79 9.08 -8.12
N GLU A 100 9.01 9.53 -8.36
CA GLU A 100 10.25 8.79 -8.00
C GLU A 100 10.35 8.52 -6.49
N GLN A 101 9.98 9.51 -5.68
CA GLN A 101 10.03 9.37 -4.21
C GLN A 101 9.08 8.28 -3.70
N VAL A 102 7.80 8.39 -4.03
CA VAL A 102 6.81 7.42 -3.57
C VAL A 102 7.11 6.02 -4.10
N SER A 103 7.61 5.96 -5.34
CA SER A 103 7.95 4.71 -5.98
C SER A 103 9.09 3.99 -5.23
N ASP A 104 10.08 4.74 -4.75
CA ASP A 104 11.14 4.18 -3.89
C ASP A 104 10.51 3.51 -2.62
N MLY A 105 9.46 4.15 -2.05
CA MLY A 105 8.78 3.62 -0.86
CB MLY A 105 7.86 4.68 -0.21
CG MLY A 105 8.56 5.99 0.22
CD MLY A 105 9.77 5.73 1.08
CE MLY A 105 10.26 6.99 1.75
NZ MLY A 105 11.73 6.98 1.90
CH1 MLY A 105 12.19 6.25 3.11
CH2 MLY A 105 12.25 8.39 1.94
C MLY A 105 7.96 2.40 -1.16
O MLY A 105 7.92 1.47 -0.36
N VAL A 106 7.31 2.38 -2.33
CA VAL A 106 6.47 1.29 -2.73
C VAL A 106 7.33 0.08 -3.08
N ALA A 107 8.43 0.32 -3.80
CA ALA A 107 9.40 -0.72 -4.17
C ALA A 107 10.20 -1.36 -3.04
N ALA A 108 10.65 -0.58 -2.07
CA ALA A 108 11.23 -1.16 -0.86
C ALA A 108 10.26 -2.16 -0.23
N LEU A 109 8.99 -1.78 -0.12
CA LEU A 109 7.96 -2.66 0.46
C LEU A 109 7.67 -3.91 -0.38
N ALA A 110 7.46 -3.72 -1.68
CA ALA A 110 7.28 -4.83 -2.63
C ALA A 110 8.47 -5.81 -2.62
N ASP A 111 9.68 -5.27 -2.73
CA ASP A 111 10.89 -6.06 -2.55
C ASP A 111 10.97 -6.81 -1.25
N TRP A 112 10.62 -6.16 -0.14
CA TRP A 112 10.70 -6.84 1.16
C TRP A 112 9.78 -8.06 1.17
N ILE A 113 8.63 -7.87 0.55
CA ILE A 113 7.60 -8.91 0.54
C ILE A 113 8.03 -10.07 -0.37
N GLU A 114 8.51 -9.77 -1.58
CA GLU A 114 9.00 -10.80 -2.49
C GLU A 114 10.13 -11.64 -1.84
N LEU A 115 11.01 -10.96 -1.12
CA LEU A 115 12.14 -11.56 -0.42
C LEU A 115 11.78 -12.37 0.84
N ASN A 116 10.76 -11.96 1.59
CA ASN A 116 10.42 -12.64 2.86
C ASN A 116 9.18 -13.51 2.76
N LEU A 117 8.71 -13.70 1.53
CA LEU A 117 7.54 -14.52 1.24
C LEU A 117 7.62 -15.95 1.83
N PRO A 118 8.73 -16.68 1.59
CA PRO A 118 8.80 -18.05 2.13
C PRO A 118 8.56 -18.18 3.64
N GLN A 119 9.08 -17.26 4.45
CA GLN A 119 8.82 -17.26 5.88
C GLN A 119 7.35 -16.94 6.18
N VAL A 120 6.73 -16.07 5.37
CA VAL A 120 5.30 -15.78 5.51
C VAL A 120 4.44 -16.98 5.13
N LEU A 121 4.72 -17.56 3.97
CA LEU A 121 4.06 -18.82 3.55
C LEU A 121 4.28 -19.98 4.54
N ALA A 122 5.48 -20.08 5.10
CA ALA A 122 5.77 -21.11 6.10
C ALA A 122 4.98 -20.87 7.39
N GLN A 123 4.41 -19.67 7.50
CA GLN A 123 3.64 -19.27 8.68
C GLN A 123 2.17 -19.64 8.55
N ARG A 124 1.63 -19.42 7.35
CA ARG A 124 0.27 -19.78 7.00
C ARG A 124 0.16 -21.31 6.86
N GLU A 125 -0.55 -21.95 7.80
CA GLU A 125 -0.72 -23.43 7.77
C GLU A 125 -2.05 -23.90 8.38
N GLU B 15 10.96 -16.77 -3.33
CA GLU B 15 10.88 -15.34 -3.79
C GLU B 15 9.54 -15.07 -4.47
N GLY B 16 9.04 -13.84 -4.34
CA GLY B 16 7.80 -13.43 -4.99
C GLY B 16 8.01 -12.71 -6.31
N ASN B 17 6.96 -12.67 -7.13
CA ASN B 17 6.94 -11.81 -8.31
C ASN B 17 5.57 -11.19 -8.51
N LEU B 18 5.44 -9.92 -8.10
CA LEU B 18 4.17 -9.23 -8.11
C LEU B 18 3.59 -9.01 -9.52
N PHE B 19 4.44 -9.04 -10.55
CA PHE B 19 3.97 -8.93 -11.95
C PHE B 19 3.20 -10.16 -12.49
N ALA B 20 3.47 -11.33 -11.90
CA ALA B 20 2.81 -12.59 -12.24
C ALA B 20 1.41 -12.65 -11.62
N GLU B 21 0.37 -12.90 -12.41
CA GLU B 21 -1.00 -12.81 -11.87
C GLU B 21 -1.34 -13.71 -10.68
N GLN B 22 -0.75 -14.90 -10.62
CA GLN B 22 -1.07 -15.81 -9.51
C GLN B 22 -0.12 -15.85 -8.27
N CYS B 23 0.71 -14.81 -8.08
CA CYS B 23 1.71 -14.85 -7.02
C CYS B 23 1.16 -14.50 -5.63
N PRO B 24 1.39 -15.37 -4.63
CA PRO B 24 0.97 -15.10 -3.25
C PRO B 24 1.52 -13.80 -2.63
N SER B 25 2.61 -13.26 -3.18
CA SER B 25 3.12 -11.98 -2.74
C SER B 25 2.03 -10.89 -2.83
N ARG B 26 1.15 -11.00 -3.84
CA ARG B 26 0.03 -10.08 -4.00
C ARG B 26 -0.93 -10.11 -2.80
N GLU B 27 -1.18 -11.29 -2.21
CA GLU B 27 -2.13 -11.45 -1.10
C GLU B 27 -1.55 -10.77 0.14
N VAL B 28 -0.27 -11.05 0.42
CA VAL B 28 0.41 -10.46 1.55
C VAL B 28 0.52 -8.94 1.36
N LEU B 29 0.77 -8.49 0.16
CA LEU B 29 0.79 -7.05 -0.16
C LEU B 29 -0.55 -6.38 0.11
N LYS B 30 -1.64 -7.01 -0.33
CA LYS B 30 -3.01 -6.57 -0.06
C LYS B 30 -3.24 -6.40 1.46
N HIS B 31 -2.71 -7.32 2.24
CA HIS B 31 -2.89 -7.34 3.69
C HIS B 31 -2.11 -6.27 4.39
N VAL B 32 -0.89 -5.94 3.94
CA VAL B 32 -0.09 -5.00 4.73
C VAL B 32 -0.35 -3.58 4.30
N THR B 33 -1.11 -3.44 3.23
CA THR B 33 -1.19 -2.22 2.53
C THR B 33 -2.63 -1.73 2.48
N SER B 34 -3.56 -2.57 2.97
CA SER B 34 -4.93 -2.13 3.14
C SER B 34 -4.95 -1.00 4.19
N ARG B 35 -5.99 -0.18 4.10
CA ARG B 35 -6.16 0.97 4.96
C ARG B 35 -6.04 0.57 6.42
N TRP B 36 -6.72 -0.51 6.79
CA TRP B 36 -6.70 -0.96 8.15
C TRP B 36 -5.37 -1.65 8.53
N GLY B 37 -4.81 -2.42 7.60
CA GLY B 37 -3.55 -3.13 7.81
C GLY B 37 -2.41 -2.13 8.04
N VAL B 38 -2.41 -1.05 7.29
CA VAL B 38 -1.38 0.01 7.43
C VAL B 38 -1.47 0.61 8.84
N LEU B 39 -2.69 0.91 9.28
CA LEU B 39 -2.90 1.50 10.60
C LEU B 39 -2.52 0.59 11.77
N ILE B 40 -2.91 -0.68 11.68
CA ILE B 40 -2.52 -1.65 12.68
C ILE B 40 -0.99 -1.70 12.76
N LEU B 41 -0.29 -1.83 11.62
CA LEU B 41 1.17 -1.95 11.63
C LEU B 41 1.90 -0.74 12.13
N VAL B 42 1.41 0.44 11.77
CA VAL B 42 1.89 1.70 12.36
C VAL B 42 1.52 1.87 13.84
N ALA B 43 0.28 1.61 14.25
CA ALA B 43 -0.06 1.79 15.69
C ALA B 43 0.78 0.91 16.63
N LEU B 44 1.05 -0.32 16.23
CA LEU B 44 1.69 -1.31 17.11
C LEU B 44 3.19 -1.08 17.29
N ARG B 45 3.73 -0.17 16.48
CA ARG B 45 5.11 0.31 16.61
C ARG B 45 5.35 1.03 17.93
N ASP B 46 4.28 1.61 18.50
CA ASP B 46 4.29 2.20 19.84
C ASP B 46 4.34 1.17 20.94
N GLY B 47 3.97 -0.07 20.64
CA GLY B 47 3.90 -1.13 21.64
C GLY B 47 2.58 -1.90 21.55
N THR B 48 2.41 -2.79 22.51
CA THR B 48 1.24 -3.65 22.63
C THR B 48 -0.06 -2.83 22.73
N HIS B 49 -1.05 -3.20 21.94
CA HIS B 49 -2.38 -2.56 22.04
C HIS B 49 -3.46 -3.57 22.28
N ARG B 50 -4.45 -3.20 23.09
CA ARG B 50 -5.73 -3.90 23.06
C ARG B 50 -6.48 -3.69 21.75
N PHE B 51 -7.36 -4.62 21.44
CA PHE B 51 -8.30 -4.45 20.32
C PHE B 51 -9.06 -3.11 20.41
N SER B 52 -9.50 -2.75 21.60
CA SER B 52 -10.26 -1.55 21.85
C SER B 52 -9.44 -0.27 21.65
N ASP B 53 -8.16 -0.30 21.96
CA ASP B 53 -7.26 0.86 21.74
C ASP B 53 -7.01 1.02 20.23
N LEU B 54 -6.81 -0.07 19.51
CA LEU B 54 -6.72 0.04 18.07
C LEU B 54 -7.99 0.67 17.54
N ARG B 55 -9.16 0.14 17.94
CA ARG B 55 -10.42 0.60 17.42
C ARG B 55 -10.65 2.09 17.62
N ARG B 56 -10.33 2.62 18.79
CA ARG B 56 -10.53 4.04 19.03
C ARG B 56 -9.59 4.96 18.26
N MLY B 57 -8.38 4.50 17.95
CA MLY B 57 -7.48 5.27 17.07
CB MLY B 57 -6.08 4.66 17.11
CG MLY B 57 -5.36 4.86 18.43
CD MLY B 57 -3.94 4.30 18.33
CE MLY B 57 -3.02 5.08 19.29
NZ MLY B 57 -1.86 4.28 19.69
CH1 MLY B 57 -1.45 4.69 21.05
CH2 MLY B 57 -0.75 4.48 18.72
C MLY B 57 -7.89 5.26 15.61
O MLY B 57 -7.68 6.21 14.91
N MSE B 58 -8.46 4.17 15.11
CA MSE B 58 -8.69 4.08 13.67
C MSE B 58 -10.05 4.58 13.25
O MSE B 58 -11.05 3.83 13.32
CB MSE B 58 -8.50 2.66 13.24
CG MSE B 58 -7.16 2.16 13.69
SE MSE B 58 -7.04 0.26 13.47
CE MSE B 58 -5.25 0.18 14.14
N GLY B 59 -10.07 5.86 12.82
CA GLY B 59 -11.33 6.57 12.49
C GLY B 59 -12.04 5.94 11.29
N GLY B 60 -13.22 5.41 11.54
CA GLY B 60 -14.06 4.78 10.51
C GLY B 60 -14.10 3.27 10.48
N VAL B 61 -13.24 2.61 11.25
CA VAL B 61 -13.20 1.17 11.28
C VAL B 61 -14.37 0.51 12.03
N SER B 62 -14.90 -0.56 11.43
CA SER B 62 -15.82 -1.47 12.13
C SER B 62 -15.05 -2.56 12.86
N GLU B 63 -15.70 -3.22 13.82
CA GLU B 63 -15.17 -4.40 14.54
C GLU B 63 -14.81 -5.52 13.60
N MLY B 64 -15.74 -5.79 12.69
CA MLY B 64 -15.55 -6.79 11.64
CB MLY B 64 -16.85 -6.86 10.81
CG MLY B 64 -16.87 -8.06 9.89
CD MLY B 64 -17.95 -7.92 8.79
CE MLY B 64 -17.67 -6.86 7.71
NZ MLY B 64 -18.89 -6.59 6.87
CH1 MLY B 64 -19.55 -7.84 6.42
CH2 MLY B 64 -18.50 -5.84 5.69
C MLY B 64 -14.31 -6.52 10.82
O MLY B 64 -13.47 -7.37 10.75
N MSE B 65 -14.17 -5.34 10.22
CA MSE B 65 -12.97 -5.01 9.43
C MSE B 65 -11.66 -5.01 10.22
O MSE B 65 -10.63 -5.36 9.66
CB MSE B 65 -13.09 -3.61 8.79
CG MSE B 65 -14.36 -3.37 7.94
SE MSE B 65 -13.87 -3.92 6.16
CE MSE B 65 -14.25 -5.76 6.41
N LEU B 66 -11.69 -4.52 11.47
CA LEU B 66 -10.52 -4.53 12.35
C LEU B 66 -10.20 -6.03 12.63
N ALA B 67 -11.20 -6.81 13.04
CA ALA B 67 -10.98 -8.24 13.29
C ALA B 67 -10.41 -8.97 12.07
N GLN B 68 -10.93 -8.68 10.87
CA GLN B 68 -10.45 -9.30 9.65
C GLN B 68 -8.99 -8.95 9.34
N SER B 69 -8.59 -7.68 9.39
CA SER B 69 -7.16 -7.34 9.13
C SER B 69 -6.24 -7.94 10.15
N LEU B 70 -6.62 -7.97 11.44
CA LEU B 70 -5.79 -8.53 12.50
C LEU B 70 -5.56 -10.03 12.31
N GLN B 71 -6.62 -10.75 11.97
CA GLN B 71 -6.52 -12.15 11.58
C GLN B 71 -5.57 -12.38 10.40
N ALA B 72 -5.69 -11.59 9.34
CA ALA B 72 -4.76 -11.75 8.20
C ALA B 72 -3.29 -11.45 8.57
N LEU B 73 -3.05 -10.38 9.30
CA LEU B 73 -1.68 -10.07 9.74
C LEU B 73 -1.09 -11.08 10.73
N GLU B 74 -1.91 -11.66 11.60
CA GLU B 74 -1.43 -12.71 12.48
C GLU B 74 -1.14 -14.07 11.74
N GLN B 75 -2.04 -14.47 10.86
CA GLN B 75 -1.82 -15.65 10.03
C GLN B 75 -0.58 -15.52 9.10
N ASP B 76 -0.22 -14.28 8.71
CA ASP B 76 1.01 -14.02 7.93
C ASP B 76 2.28 -14.07 8.78
N GLY B 77 2.18 -14.02 10.10
CA GLY B 77 3.39 -14.06 10.94
C GLY B 77 3.82 -12.72 11.55
N PHE B 78 2.97 -11.69 11.39
CA PHE B 78 3.34 -10.31 11.67
C PHE B 78 2.98 -9.90 13.07
N LEU B 79 2.09 -10.69 13.71
CA LEU B 79 1.44 -10.30 14.95
C LEU B 79 1.35 -11.38 15.98
N ASN B 80 1.65 -11.03 17.22
CA ASN B 80 1.31 -11.85 18.37
C ASN B 80 -0.06 -11.47 18.92
N ARG B 81 -0.92 -12.46 19.13
CA ARG B 81 -2.16 -12.22 19.86
C ARG B 81 -2.15 -12.90 21.25
N VAL B 82 -2.39 -12.13 22.31
CA VAL B 82 -2.66 -12.68 23.65
C VAL B 82 -4.11 -12.42 24.12
N SER B 83 -4.85 -13.51 24.39
CA SER B 83 -6.22 -13.42 24.94
C SER B 83 -6.22 -13.40 26.48
N TYR B 84 -6.98 -12.47 27.03
CA TYR B 84 -7.26 -12.44 28.46
C TYR B 84 -8.75 -12.75 28.66
N PRO B 85 -9.09 -14.03 28.90
CA PRO B 85 -10.48 -14.50 29.02
C PRO B 85 -11.16 -14.12 30.36
N VAL B 86 -10.39 -13.62 31.33
CA VAL B 86 -10.92 -12.95 32.54
C VAL B 86 -12.09 -12.04 32.14
N VAL B 87 -13.09 -11.83 33.00
CA VAL B 87 -14.21 -10.91 32.71
C VAL B 87 -13.93 -9.44 33.16
N PRO B 88 -14.18 -8.45 32.28
CA PRO B 88 -14.52 -8.50 30.85
C PRO B 88 -13.31 -8.99 30.04
N PRO B 89 -13.54 -9.91 29.07
CA PRO B 89 -12.42 -10.43 28.25
C PRO B 89 -11.74 -9.32 27.45
N HIS B 90 -10.45 -9.48 27.17
CA HIS B 90 -9.81 -8.62 26.21
C HIS B 90 -8.70 -9.34 25.45
N VAL B 91 -8.27 -8.72 24.36
CA VAL B 91 -7.23 -9.26 23.50
C VAL B 91 -6.22 -8.17 23.18
N GLU B 92 -4.95 -8.55 23.27
CA GLU B 92 -3.77 -7.72 23.07
C GLU B 92 -2.96 -8.18 21.88
N TYR B 93 -2.45 -7.19 21.12
CA TYR B 93 -1.61 -7.46 19.95
C TYR B 93 -0.31 -6.74 20.01
N SER B 94 0.73 -7.40 19.50
CA SER B 94 2.04 -6.77 19.32
C SER B 94 2.72 -7.29 18.02
N LEU B 95 3.73 -6.58 17.55
CA LEU B 95 4.50 -7.01 16.37
C LEU B 95 5.45 -8.19 16.71
N THR B 96 5.51 -9.19 15.83
CA THR B 96 6.55 -10.21 15.87
C THR B 96 7.81 -9.52 15.34
N PRO B 97 9.01 -10.15 15.45
CA PRO B 97 10.20 -9.59 14.78
C PRO B 97 9.96 -9.39 13.28
N LEU B 98 9.32 -10.35 12.63
CA LEU B 98 8.96 -10.24 11.24
C LEU B 98 7.98 -9.05 10.92
N GLY B 99 7.03 -8.80 11.83
CA GLY B 99 6.09 -7.71 11.72
C GLY B 99 6.73 -6.36 11.96
N GLU B 100 7.73 -6.31 12.84
CA GLU B 100 8.60 -5.14 12.95
C GLU B 100 9.27 -4.80 11.64
N GLN B 101 9.72 -5.79 10.88
CA GLN B 101 10.37 -5.50 9.58
C GLN B 101 9.44 -4.99 8.48
N VAL B 102 8.28 -5.62 8.27
CA VAL B 102 7.33 -5.07 7.28
C VAL B 102 6.77 -3.70 7.71
N SER B 103 6.49 -3.56 8.98
CA SER B 103 6.04 -2.35 9.60
C SER B 103 6.94 -1.11 9.32
N ASP B 104 8.25 -1.26 9.44
CA ASP B 104 9.21 -0.22 9.02
C ASP B 104 8.98 0.24 7.60
N MLY B 105 8.69 -0.67 6.69
CA MLY B 105 8.56 -0.30 5.29
CB MLY B 105 8.60 -1.54 4.43
CG MLY B 105 9.86 -2.36 4.59
CD MLY B 105 11.16 -1.58 4.38
CE MLY B 105 12.30 -2.58 4.27
NZ MLY B 105 13.61 -1.90 4.49
CH1 MLY B 105 13.95 -1.00 3.36
CH2 MLY B 105 14.64 -2.96 4.59
C MLY B 105 7.20 0.28 5.11
O MLY B 105 7.02 1.22 4.31
N VAL B 106 6.22 -0.26 5.86
CA VAL B 106 4.90 0.26 5.76
C VAL B 106 4.83 1.67 6.31
N ALA B 107 5.35 1.89 7.52
CA ALA B 107 5.43 3.22 8.19
C ALA B 107 6.21 4.28 7.37
N ALA B 108 7.32 3.86 6.74
CA ALA B 108 8.05 4.83 5.86
C ALA B 108 7.17 5.34 4.72
N LEU B 109 6.32 4.45 4.21
CA LEU B 109 5.40 4.79 3.13
C LEU B 109 4.23 5.66 3.63
N ALA B 110 3.65 5.27 4.77
CA ALA B 110 2.59 6.03 5.43
C ALA B 110 3.10 7.45 5.72
N ASP B 111 4.28 7.56 6.35
CA ASP B 111 4.83 8.88 6.65
C ASP B 111 5.14 9.71 5.41
N TRP B 112 5.70 9.13 4.36
CA TRP B 112 5.96 9.91 3.13
C TRP B 112 4.66 10.49 2.55
N ILE B 113 3.63 9.65 2.48
CA ILE B 113 2.34 10.08 1.97
C ILE B 113 1.76 11.22 2.80
N GLU B 114 1.75 11.10 4.12
CA GLU B 114 1.22 12.16 4.93
C GLU B 114 2.04 13.46 4.80
N LEU B 115 3.37 13.32 4.83
CA LEU B 115 4.29 14.44 4.68
C LEU B 115 4.13 15.18 3.35
N ASN B 116 3.99 14.40 2.27
CA ASN B 116 3.91 15.00 0.96
C ASN B 116 2.49 15.24 0.46
N LEU B 117 1.51 15.10 1.34
CA LEU B 117 0.12 15.35 0.94
C LEU B 117 -0.07 16.77 0.28
N PRO B 118 0.47 17.86 0.89
CA PRO B 118 0.28 19.18 0.22
C PRO B 118 0.68 19.25 -1.27
N GLN B 119 1.80 18.64 -1.66
CA GLN B 119 2.23 18.65 -3.04
C GLN B 119 1.27 17.85 -3.93
N VAL B 120 0.79 16.71 -3.43
CA VAL B 120 -0.24 15.93 -4.13
C VAL B 120 -1.53 16.72 -4.35
N LEU B 121 -2.02 17.39 -3.34
CA LEU B 121 -3.24 18.19 -3.51
C LEU B 121 -3.03 19.32 -4.51
N ALA B 122 -1.88 19.99 -4.44
CA ALA B 122 -1.53 21.04 -5.42
C ALA B 122 -1.52 20.54 -6.87
N GLN B 123 -1.10 19.30 -7.12
CA GLN B 123 -1.14 18.74 -8.47
C GLN B 123 -2.55 18.35 -8.90
N ARG B 124 -3.39 18.07 -7.91
CA ARG B 124 -4.79 17.74 -8.17
C ARG B 124 -5.58 18.90 -8.77
N GLU B 125 -5.41 20.11 -8.25
CA GLU B 125 -6.17 21.27 -8.71
C GLU B 125 -5.85 21.71 -10.16
N ARG B 126 -4.57 21.67 -10.53
CA ARG B 126 -4.12 21.90 -11.91
C ARG B 126 -4.77 20.98 -12.96
CL CL C . 0.29 3.37 -26.06
CL CL D . -9.81 -5.44 23.82
#